data_4LFK
#
_entry.id   4LFK
#
_cell.length_a   108.174
_cell.length_b   115.926
_cell.length_c   54.858
_cell.angle_alpha   90.00
_cell.angle_beta   90.00
_cell.angle_gamma   90.00
#
_symmetry.space_group_name_H-M   'P 21 21 2'
#
loop_
_entity.id
_entity.type
_entity.pdbx_description
1 polymer 'Galactose-6-phosphate isomerase subunit A'
2 polymer 'Galactose-6-phosphate isomerase subunit B'
3 water water
#
loop_
_entity_poly.entity_id
_entity_poly.type
_entity_poly.pdbx_seq_one_letter_code
_entity_poly.pdbx_strand_id
1 'polypeptide(L)'
;MGSSHHHHHHSSGLVPRGSHMDVIIGADKDGFAMKEQVKKYLEEHQYRVADVTPEPAEDFVESSLAVTKKLLNSDAHKAI
MFDRYGVGSAMASNKVKGMVTAVVEEENTAHMTAEHNGAKAIAIGTGITGYDRALVIIQRYLDTEYAGGRHQIRLDMLEK
MI
;
A,C
2 'polypeptide(L)'
;MIIAIGNDHIVTMQKIEISNMLKDMGYTVIDEGTYDTHRTHYPIYGKKVAEDVADGRADLGIVMCGTGIGISTAADKNEG
IRAAMCDDVTSAVYAREQLNANVLGIGGAVVGVHLIQDIVKAYLDATYKETPENKKLIDKIDNIAKPNPDQKDNPHFFDA
ELEKWAEGVYHD
;
B,D
#
# COMPACT_ATOMS: atom_id res chain seq x y z
N MET A 21 3.54 8.88 -28.15
CA MET A 21 3.09 7.60 -27.53
C MET A 21 1.57 7.59 -27.38
N ASP A 22 0.93 6.50 -27.81
CA ASP A 22 -0.50 6.39 -27.71
C ASP A 22 -0.89 5.77 -26.37
N VAL A 23 -2.07 6.12 -25.89
CA VAL A 23 -2.58 5.57 -24.64
C VAL A 23 -4.08 5.36 -24.80
N ILE A 24 -4.53 4.14 -24.56
CA ILE A 24 -5.94 3.82 -24.66
C ILE A 24 -6.54 3.91 -23.26
N ILE A 25 -7.66 4.62 -23.12
CA ILE A 25 -8.29 4.72 -21.81
C ILE A 25 -9.77 4.36 -21.87
N GLY A 26 -10.29 3.87 -20.75
CA GLY A 26 -11.69 3.48 -20.68
C GLY A 26 -12.13 3.42 -19.25
N ALA A 27 -13.44 3.49 -19.02
CA ALA A 27 -13.96 3.44 -17.66
C ALA A 27 -15.46 3.17 -17.60
N ASP A 28 -15.90 2.66 -16.46
CA ASP A 28 -17.31 2.41 -16.25
C ASP A 28 -17.81 3.61 -15.47
N LYS A 29 -19.01 3.52 -14.91
CA LYS A 29 -19.57 4.65 -14.17
C LYS A 29 -18.72 5.13 -12.99
N ASP A 30 -18.18 4.19 -12.22
CA ASP A 30 -17.37 4.53 -11.05
C ASP A 30 -16.00 5.12 -11.39
N GLY A 31 -15.42 4.71 -12.51
CA GLY A 31 -14.11 5.23 -12.87
C GLY A 31 -14.10 6.40 -13.83
N PHE A 32 -15.27 6.76 -14.36
CA PHE A 32 -15.36 7.84 -15.33
C PHE A 32 -14.72 9.17 -14.91
N ALA A 33 -15.06 9.64 -13.71
CA ALA A 33 -14.54 10.91 -13.20
C ALA A 33 -13.01 11.00 -13.27
N MET A 34 -12.32 10.01 -12.71
CA MET A 34 -10.87 10.04 -12.74
C MET A 34 -10.37 9.90 -14.16
N LYS A 35 -11.06 9.09 -14.96
CA LYS A 35 -10.67 8.89 -16.35
C LYS A 35 -10.67 10.22 -17.08
N GLU A 36 -11.66 11.06 -16.80
CA GLU A 36 -11.75 12.38 -17.43
C GLU A 36 -10.59 13.27 -17.02
N GLN A 37 -10.20 13.19 -15.75
CA GLN A 37 -9.09 13.98 -15.24
C GLN A 37 -7.79 13.51 -15.89
N VAL A 38 -7.57 12.20 -15.88
CA VAL A 38 -6.36 11.62 -16.46
C VAL A 38 -6.28 11.96 -17.96
N LYS A 39 -7.42 11.97 -18.63
CA LYS A 39 -7.44 12.28 -20.04
C LYS A 39 -6.85 13.68 -20.23
N LYS A 40 -7.36 14.63 -19.45
CA LYS A 40 -6.90 16.02 -19.51
C LYS A 40 -5.40 16.08 -19.23
N TYR A 41 -4.96 15.33 -18.22
CA TYR A 41 -3.55 15.28 -17.86
C TYR A 41 -2.74 14.79 -19.05
N LEU A 42 -3.14 13.65 -19.60
CA LEU A 42 -2.44 13.06 -20.73
C LEU A 42 -2.34 14.02 -21.93
N GLU A 43 -3.44 14.68 -22.26
CA GLU A 43 -3.43 15.61 -23.38
C GLU A 43 -2.46 16.75 -23.11
N GLU A 44 -2.42 17.22 -21.87
CA GLU A 44 -1.53 18.31 -21.49
C GLU A 44 -0.08 17.91 -21.65
N HIS A 45 0.19 16.60 -21.64
CA HIS A 45 1.55 16.10 -21.77
C HIS A 45 1.86 15.50 -23.14
N GLN A 46 1.18 16.00 -24.16
CA GLN A 46 1.40 15.57 -25.54
C GLN A 46 1.13 14.11 -25.86
N TYR A 47 0.38 13.42 -25.01
CA TYR A 47 0.06 12.02 -25.27
C TYR A 47 -1.13 11.92 -26.21
N ARG A 48 -1.06 11.00 -27.17
CA ARG A 48 -2.16 10.80 -28.10
C ARG A 48 -3.08 9.81 -27.39
N VAL A 49 -4.23 10.30 -26.94
CA VAL A 49 -5.17 9.46 -26.22
C VAL A 49 -6.35 8.97 -27.04
N ALA A 50 -6.66 7.69 -26.88
CA ALA A 50 -7.79 7.06 -27.55
C ALA A 50 -8.75 6.61 -26.44
N ASP A 51 -9.80 7.42 -26.23
CA ASP A 51 -10.78 7.12 -25.21
C ASP A 51 -11.89 6.27 -25.81
N VAL A 52 -12.03 5.04 -25.33
CA VAL A 52 -13.04 4.13 -25.86
C VAL A 52 -14.38 4.26 -25.13
N THR A 53 -14.43 5.13 -24.11
CA THR A 53 -15.66 5.32 -23.37
C THR A 53 -16.00 6.77 -23.12
N PRO A 54 -16.39 7.50 -24.19
CA PRO A 54 -16.75 8.91 -24.05
C PRO A 54 -17.87 9.04 -23.01
N GLU A 55 -18.70 8.00 -22.95
CA GLU A 55 -19.79 7.91 -21.98
C GLU A 55 -19.43 6.69 -21.14
N PRO A 56 -19.65 6.75 -19.82
CA PRO A 56 -19.31 5.59 -19.00
C PRO A 56 -19.90 4.29 -19.55
N ALA A 57 -19.13 3.21 -19.50
CA ALA A 57 -19.58 1.91 -19.98
C ALA A 57 -20.62 1.38 -19.00
N GLU A 58 -21.41 0.42 -19.44
CA GLU A 58 -22.44 -0.17 -18.60
C GLU A 58 -21.84 -0.73 -17.32
N ASP A 59 -20.70 -1.40 -17.45
CA ASP A 59 -20.01 -1.97 -16.29
C ASP A 59 -18.52 -2.13 -16.63
N PHE A 60 -17.72 -2.56 -15.66
CA PHE A 60 -16.28 -2.72 -15.89
C PHE A 60 -15.91 -3.80 -16.89
N VAL A 61 -16.83 -4.74 -17.14
CA VAL A 61 -16.53 -5.78 -18.12
C VAL A 61 -16.54 -5.13 -19.50
N GLU A 62 -17.57 -4.32 -19.76
CA GLU A 62 -17.69 -3.66 -21.05
C GLU A 62 -16.53 -2.69 -21.30
N SER A 63 -16.22 -1.86 -20.31
CA SER A 63 -15.13 -0.91 -20.47
C SER A 63 -13.77 -1.60 -20.60
N SER A 64 -13.50 -2.60 -19.77
CA SER A 64 -12.22 -3.30 -19.83
C SER A 64 -12.05 -4.05 -21.15
N LEU A 65 -13.09 -4.70 -21.62
CA LEU A 65 -13.00 -5.44 -22.88
C LEU A 65 -12.88 -4.48 -24.05
N ALA A 66 -13.47 -3.28 -23.93
CA ALA A 66 -13.40 -2.29 -24.99
C ALA A 66 -11.97 -1.76 -25.14
N VAL A 67 -11.31 -1.54 -24.01
CA VAL A 67 -9.94 -1.05 -24.01
C VAL A 67 -9.05 -2.13 -24.62
N THR A 68 -9.26 -3.37 -24.18
CA THR A 68 -8.50 -4.51 -24.65
C THR A 68 -8.56 -4.65 -26.17
N LYS A 69 -9.77 -4.61 -26.71
CA LYS A 69 -9.95 -4.74 -28.15
C LYS A 69 -9.24 -3.63 -28.91
N LYS A 70 -9.42 -2.40 -28.46
CA LYS A 70 -8.78 -1.24 -29.10
C LYS A 70 -7.26 -1.36 -29.03
N LEU A 71 -6.75 -1.84 -27.89
CA LEU A 71 -5.32 -1.98 -27.70
C LEU A 71 -4.73 -3.07 -28.59
N LEU A 72 -5.30 -4.27 -28.53
CA LEU A 72 -4.83 -5.40 -29.31
C LEU A 72 -5.02 -5.25 -30.82
N ASN A 73 -5.72 -4.20 -31.23
CA ASN A 73 -5.95 -3.94 -32.64
C ASN A 73 -5.18 -2.70 -33.07
N SER A 74 -4.72 -1.93 -32.09
CA SER A 74 -3.96 -0.71 -32.34
C SER A 74 -2.47 -1.01 -32.20
N ASP A 75 -1.63 -0.03 -32.52
CA ASP A 75 -0.20 -0.21 -32.39
C ASP A 75 0.28 0.43 -31.09
N ALA A 76 -0.68 0.75 -30.23
CA ALA A 76 -0.37 1.36 -28.94
C ALA A 76 0.01 0.23 -27.99
N HIS A 77 0.85 0.53 -27.00
CA HIS A 77 1.27 -0.49 -26.05
C HIS A 77 1.07 -0.04 -24.60
N LYS A 78 0.21 0.94 -24.41
CA LYS A 78 -0.10 1.48 -23.09
C LYS A 78 -1.60 1.73 -23.00
N ALA A 79 -2.22 1.32 -21.91
CA ALA A 79 -3.64 1.52 -21.70
C ALA A 79 -3.96 1.65 -20.21
N ILE A 80 -5.05 2.35 -19.90
CA ILE A 80 -5.45 2.55 -18.51
C ILE A 80 -6.95 2.30 -18.38
N MET A 81 -7.33 1.39 -17.49
CA MET A 81 -8.72 1.07 -17.25
C MET A 81 -9.13 1.65 -15.91
N PHE A 82 -10.33 2.18 -15.84
CA PHE A 82 -10.82 2.77 -14.61
C PHE A 82 -12.14 2.17 -14.14
N ASP A 83 -12.20 1.86 -12.85
CA ASP A 83 -13.43 1.34 -12.25
C ASP A 83 -13.32 1.62 -10.76
N ARG A 84 -14.22 1.05 -9.97
CA ARG A 84 -14.20 1.32 -8.54
C ARG A 84 -13.04 0.68 -7.78
N TYR A 85 -12.72 -0.57 -8.09
CA TYR A 85 -11.66 -1.28 -7.39
C TYR A 85 -10.48 -1.76 -8.25
N GLY A 86 -10.59 -1.65 -9.57
CA GLY A 86 -9.52 -2.09 -10.44
C GLY A 86 -9.54 -3.59 -10.66
N VAL A 87 -9.75 -4.31 -9.57
CA VAL A 87 -9.81 -5.76 -9.56
C VAL A 87 -10.68 -6.32 -10.70
N GLY A 88 -11.87 -5.77 -10.86
CA GLY A 88 -12.78 -6.24 -11.90
C GLY A 88 -12.31 -6.10 -13.32
N SER A 89 -11.78 -4.92 -13.68
CA SER A 89 -11.31 -4.68 -15.04
C SER A 89 -10.17 -5.62 -15.41
N ALA A 90 -9.33 -5.94 -14.43
CA ALA A 90 -8.21 -6.84 -14.67
C ALA A 90 -8.70 -8.27 -14.76
N MET A 91 -9.57 -8.67 -13.83
CA MET A 91 -10.11 -10.03 -13.84
C MET A 91 -10.79 -10.33 -15.17
N ALA A 92 -11.61 -9.40 -15.62
CA ALA A 92 -12.33 -9.58 -16.88
C ALA A 92 -11.40 -9.49 -18.10
N SER A 93 -10.64 -8.41 -18.20
CA SER A 93 -9.76 -8.25 -19.35
C SER A 93 -8.71 -9.35 -19.47
N ASN A 94 -8.25 -9.92 -18.36
CA ASN A 94 -7.25 -10.97 -18.44
C ASN A 94 -7.77 -12.28 -19.03
N LYS A 95 -9.09 -12.39 -19.16
CA LYS A 95 -9.65 -13.60 -19.75
C LYS A 95 -9.40 -13.60 -21.25
N VAL A 96 -9.11 -12.42 -21.81
CA VAL A 96 -8.85 -12.30 -23.24
C VAL A 96 -7.48 -12.89 -23.59
N LYS A 97 -7.46 -13.84 -24.53
CA LYS A 97 -6.21 -14.45 -24.93
C LYS A 97 -5.22 -13.40 -25.42
N GLY A 98 -4.02 -13.44 -24.86
CA GLY A 98 -2.99 -12.49 -25.25
C GLY A 98 -2.95 -11.20 -24.43
N MET A 99 -3.98 -10.96 -23.65
CA MET A 99 -4.03 -9.74 -22.84
C MET A 99 -3.39 -9.91 -21.47
N VAL A 100 -2.74 -8.84 -21.00
CA VAL A 100 -2.10 -8.84 -19.69
C VAL A 100 -2.43 -7.50 -19.05
N THR A 101 -3.29 -7.54 -18.03
CA THR A 101 -3.72 -6.33 -17.34
C THR A 101 -3.32 -6.35 -15.87
N ALA A 102 -2.67 -5.28 -15.42
CA ALA A 102 -2.24 -5.21 -14.03
C ALA A 102 -3.00 -4.21 -13.17
N VAL A 103 -3.56 -4.69 -12.06
CA VAL A 103 -4.21 -3.79 -11.13
C VAL A 103 -3.03 -3.12 -10.45
N VAL A 104 -3.05 -1.80 -10.35
CA VAL A 104 -1.95 -1.08 -9.71
C VAL A 104 -2.45 -0.12 -8.64
N GLU A 105 -1.88 -0.21 -7.45
CA GLU A 105 -2.27 0.69 -6.37
C GLU A 105 -1.06 1.26 -5.64
N GLU A 106 0.14 0.96 -6.13
CA GLU A 106 1.35 1.53 -5.55
C GLU A 106 2.40 1.81 -6.63
N GLU A 107 3.38 2.63 -6.26
CA GLU A 107 4.40 3.08 -7.20
C GLU A 107 5.52 2.15 -7.64
N ASN A 108 5.66 0.99 -7.01
CA ASN A 108 6.69 0.05 -7.43
C ASN A 108 6.13 -0.81 -8.56
N THR A 109 4.95 -1.38 -8.34
CA THR A 109 4.35 -2.21 -9.38
C THR A 109 4.08 -1.36 -10.63
N ALA A 110 3.79 -0.08 -10.43
CA ALA A 110 3.53 0.83 -11.55
C ALA A 110 4.55 0.66 -12.66
N HIS A 111 5.83 0.58 -12.29
CA HIS A 111 6.85 0.39 -13.32
C HIS A 111 7.30 -1.05 -13.49
N MET A 112 7.38 -1.80 -12.40
CA MET A 112 7.81 -3.19 -12.50
C MET A 112 6.93 -4.06 -13.39
N THR A 113 5.63 -3.84 -13.36
CA THR A 113 4.75 -4.66 -14.17
C THR A 113 4.99 -4.40 -15.66
N ALA A 114 5.38 -3.17 -15.99
CA ALA A 114 5.69 -2.84 -17.37
C ALA A 114 7.04 -3.46 -17.73
N GLU A 115 8.02 -3.29 -16.85
CA GLU A 115 9.36 -3.82 -17.09
C GLU A 115 9.40 -5.34 -17.26
N HIS A 116 8.78 -6.05 -16.32
CA HIS A 116 8.76 -7.52 -16.36
C HIS A 116 7.60 -8.19 -17.08
N ASN A 117 6.38 -7.70 -16.88
CA ASN A 117 5.21 -8.29 -17.51
C ASN A 117 4.80 -7.62 -18.83
N GLY A 118 5.43 -6.50 -19.16
CA GLY A 118 5.08 -5.80 -20.37
C GLY A 118 3.59 -5.48 -20.34
N ALA A 119 3.02 -5.46 -19.13
CA ALA A 119 1.61 -5.16 -18.92
C ALA A 119 1.08 -4.31 -20.06
N LYS A 120 0.08 -4.83 -20.76
CA LYS A 120 -0.50 -4.11 -21.88
C LYS A 120 -1.43 -3.02 -21.38
N ALA A 121 -1.85 -3.14 -20.12
CA ALA A 121 -2.72 -2.14 -19.52
C ALA A 121 -2.66 -2.22 -18.01
N ILE A 122 -3.05 -1.13 -17.35
CA ILE A 122 -3.08 -1.13 -15.89
C ILE A 122 -4.49 -0.73 -15.51
N ALA A 123 -4.97 -1.25 -14.39
CA ALA A 123 -6.32 -0.94 -13.92
C ALA A 123 -6.23 -0.19 -12.61
N ILE A 124 -6.95 0.92 -12.50
CA ILE A 124 -6.93 1.72 -11.29
C ILE A 124 -8.28 1.78 -10.63
N GLY A 125 -8.32 1.50 -9.33
CA GLY A 125 -9.56 1.55 -8.58
C GLY A 125 -9.78 2.92 -7.98
N THR A 126 -10.75 3.65 -8.49
CA THR A 126 -11.03 5.00 -8.01
C THR A 126 -11.46 5.04 -6.55
N GLY A 127 -11.97 3.93 -6.03
CA GLY A 127 -12.38 3.87 -4.65
C GLY A 127 -11.22 3.45 -3.76
N ILE A 128 -10.14 3.04 -4.39
CA ILE A 128 -8.93 2.58 -3.70
C ILE A 128 -7.78 3.59 -3.75
N THR A 129 -7.52 4.13 -4.94
CA THR A 129 -6.42 5.05 -5.15
C THR A 129 -6.80 6.51 -5.36
N GLY A 130 -6.21 7.40 -4.55
CA GLY A 130 -6.46 8.83 -4.67
C GLY A 130 -5.87 9.39 -5.95
N TYR A 131 -6.41 10.50 -6.44
CA TYR A 131 -5.94 11.08 -7.70
C TYR A 131 -4.45 11.39 -7.81
N ASP A 132 -3.89 12.08 -6.82
CA ASP A 132 -2.48 12.43 -6.87
C ASP A 132 -1.60 11.19 -7.01
N ARG A 133 -1.94 10.13 -6.27
CA ARG A 133 -1.17 8.90 -6.34
C ARG A 133 -1.36 8.21 -7.69
N ALA A 134 -2.59 8.20 -8.19
CA ALA A 134 -2.90 7.58 -9.47
C ALA A 134 -2.01 8.16 -10.58
N LEU A 135 -1.83 9.48 -10.54
CA LEU A 135 -1.00 10.16 -11.52
C LEU A 135 0.47 9.71 -11.44
N VAL A 136 0.97 9.50 -10.23
CA VAL A 136 2.36 9.05 -10.10
C VAL A 136 2.43 7.65 -10.67
N ILE A 137 1.43 6.84 -10.34
CA ILE A 137 1.37 5.48 -10.83
C ILE A 137 1.34 5.46 -12.35
N ILE A 138 0.44 6.25 -12.91
CA ILE A 138 0.28 6.34 -14.36
C ILE A 138 1.57 6.81 -15.07
N GLN A 139 2.15 7.91 -14.60
CA GLN A 139 3.36 8.40 -15.25
C GLN A 139 4.52 7.39 -15.17
N ARG A 140 4.63 6.66 -14.06
CA ARG A 140 5.71 5.68 -13.94
C ARG A 140 5.47 4.53 -14.91
N TYR A 141 4.22 4.15 -15.08
CA TYR A 141 3.86 3.06 -15.99
C TYR A 141 4.19 3.47 -17.42
N LEU A 142 3.79 4.69 -17.80
CA LEU A 142 4.03 5.20 -19.15
C LEU A 142 5.50 5.40 -19.46
N ASP A 143 6.28 5.79 -18.46
CA ASP A 143 7.71 6.03 -18.69
C ASP A 143 8.56 4.77 -18.74
N THR A 144 7.99 3.63 -18.42
CA THR A 144 8.76 2.40 -18.40
C THR A 144 8.57 1.46 -19.59
N GLU A 145 9.67 0.98 -20.11
CA GLU A 145 9.65 0.07 -21.25
C GLU A 145 9.84 -1.39 -20.82
N TYR A 146 9.22 -2.30 -21.56
CA TYR A 146 9.32 -3.73 -21.28
C TYR A 146 10.79 -4.11 -21.48
N ALA A 147 11.35 -4.88 -20.55
CA ALA A 147 12.76 -5.26 -20.63
C ALA A 147 13.08 -6.47 -21.50
N GLY A 148 12.06 -7.29 -21.79
CA GLY A 148 12.30 -8.47 -22.62
C GLY A 148 13.35 -9.36 -22.00
N GLY A 149 14.13 -10.04 -22.84
CA GLY A 149 15.17 -10.91 -22.32
C GLY A 149 14.61 -12.13 -21.63
N ARG A 150 15.10 -12.42 -20.43
CA ARG A 150 14.63 -13.59 -19.69
C ARG A 150 13.14 -13.53 -19.41
N HIS A 151 12.61 -12.31 -19.30
CA HIS A 151 11.19 -12.12 -19.00
C HIS A 151 10.24 -12.65 -20.06
N GLN A 152 10.73 -12.73 -21.30
CA GLN A 152 9.90 -13.19 -22.40
C GLN A 152 9.29 -14.58 -22.23
N ILE A 153 9.96 -15.47 -21.52
CA ILE A 153 9.40 -16.82 -21.37
C ILE A 153 8.07 -16.77 -20.63
N ARG A 154 7.98 -15.94 -19.59
CA ARG A 154 6.74 -15.84 -18.83
C ARG A 154 5.64 -15.22 -19.67
N LEU A 155 6.01 -14.29 -20.55
CA LEU A 155 5.02 -13.64 -21.40
C LEU A 155 4.53 -14.60 -22.47
N ASP A 156 5.43 -15.45 -22.98
CA ASP A 156 5.06 -16.42 -23.98
C ASP A 156 4.08 -17.40 -23.33
N MET A 157 4.34 -17.75 -22.08
CA MET A 157 3.47 -18.67 -21.36
C MET A 157 2.07 -18.08 -21.18
N LEU A 158 2.00 -16.82 -20.76
CA LEU A 158 0.72 -16.16 -20.56
C LEU A 158 -0.09 -16.01 -21.85
N GLU A 159 0.56 -15.57 -22.92
CA GLU A 159 -0.13 -15.39 -24.19
C GLU A 159 -0.63 -16.72 -24.78
N LYS A 160 -0.08 -17.81 -24.26
CA LYS A 160 -0.43 -19.15 -24.70
C LYS A 160 -1.74 -19.62 -24.04
N MET A 161 -2.05 -19.05 -22.88
CA MET A 161 -3.24 -19.41 -22.12
C MET A 161 -4.51 -18.76 -22.63
N ILE A 162 -5.66 -19.33 -22.26
CA ILE A 162 -6.95 -18.82 -22.71
C ILE A 162 -7.27 -17.42 -22.16
N MET B 1 -11.64 -26.93 5.34
CA MET B 1 -11.50 -26.26 4.01
C MET B 1 -10.09 -26.44 3.49
N ILE B 2 -9.95 -26.55 2.17
CA ILE B 2 -8.64 -26.73 1.53
C ILE B 2 -8.22 -25.50 0.74
N ILE B 3 -6.99 -25.05 0.95
CA ILE B 3 -6.46 -23.88 0.26
C ILE B 3 -5.21 -24.25 -0.56
N ALA B 4 -5.24 -23.96 -1.86
CA ALA B 4 -4.09 -24.26 -2.71
C ALA B 4 -3.27 -22.97 -2.77
N ILE B 5 -1.95 -23.09 -2.63
CA ILE B 5 -1.12 -21.88 -2.67
C ILE B 5 0.07 -22.11 -3.60
N GLY B 6 0.50 -21.05 -4.26
CA GLY B 6 1.61 -21.14 -5.19
C GLY B 6 2.40 -19.85 -5.22
N ASN B 7 3.57 -19.87 -5.85
CA ASN B 7 4.42 -18.69 -5.88
C ASN B 7 5.62 -18.89 -6.78
N ASP B 8 6.32 -17.80 -7.07
CA ASP B 8 7.54 -17.87 -7.86
C ASP B 8 8.66 -17.69 -6.82
N HIS B 9 9.91 -17.85 -7.25
CA HIS B 9 11.08 -17.76 -6.37
C HIS B 9 11.32 -16.47 -5.61
N ILE B 10 10.77 -15.37 -6.11
CA ILE B 10 10.95 -14.08 -5.46
C ILE B 10 10.27 -13.94 -4.10
N VAL B 11 9.17 -14.66 -3.90
CA VAL B 11 8.44 -14.53 -2.63
C VAL B 11 8.17 -15.84 -1.89
N THR B 12 9.07 -16.81 -2.04
CA THR B 12 8.92 -18.09 -1.37
C THR B 12 8.83 -17.91 0.15
N MET B 13 9.58 -16.97 0.69
CA MET B 13 9.56 -16.76 2.14
C MET B 13 8.21 -16.21 2.61
N GLN B 14 7.58 -15.36 1.81
CA GLN B 14 6.26 -14.81 2.15
C GLN B 14 5.22 -15.92 2.06
N LYS B 15 5.39 -16.80 1.07
CA LYS B 15 4.48 -17.92 0.88
C LYS B 15 4.52 -18.79 2.14
N ILE B 16 5.74 -19.08 2.59
CA ILE B 16 5.93 -19.91 3.79
C ILE B 16 5.22 -19.31 5.00
N GLU B 17 5.27 -17.98 5.14
CA GLU B 17 4.61 -17.34 6.27
C GLU B 17 3.10 -17.53 6.19
N ILE B 18 2.54 -17.38 4.99
CA ILE B 18 1.11 -17.54 4.81
C ILE B 18 0.71 -19.00 4.98
N SER B 19 1.59 -19.92 4.56
CA SER B 19 1.32 -21.34 4.70
C SER B 19 1.20 -21.69 6.18
N ASN B 20 2.14 -21.19 7.00
CA ASN B 20 2.11 -21.47 8.43
C ASN B 20 0.83 -20.93 9.06
N MET B 21 0.46 -19.71 8.68
CA MET B 21 -0.74 -19.07 9.22
C MET B 21 -2.01 -19.84 8.88
N LEU B 22 -2.13 -20.27 7.61
CA LEU B 22 -3.30 -21.01 7.19
C LEU B 22 -3.46 -22.29 8.00
N LYS B 23 -2.37 -23.01 8.20
CA LYS B 23 -2.43 -24.25 8.97
C LYS B 23 -2.77 -23.97 10.44
N ASP B 24 -2.24 -22.89 10.99
CA ASP B 24 -2.53 -22.53 12.37
C ASP B 24 -4.01 -22.21 12.51
N MET B 25 -4.61 -21.67 11.45
CA MET B 25 -6.03 -21.33 11.46
C MET B 25 -6.93 -22.55 11.24
N GLY B 26 -6.32 -23.69 10.94
CA GLY B 26 -7.10 -24.90 10.74
C GLY B 26 -7.35 -25.31 9.31
N TYR B 27 -6.78 -24.57 8.36
CA TYR B 27 -6.96 -24.90 6.96
C TYR B 27 -6.02 -26.02 6.56
N THR B 28 -6.39 -26.75 5.52
CA THR B 28 -5.54 -27.80 4.98
C THR B 28 -4.93 -27.08 3.80
N VAL B 29 -3.62 -27.18 3.65
CA VAL B 29 -2.92 -26.48 2.57
C VAL B 29 -2.31 -27.40 1.54
N ILE B 30 -2.45 -27.03 0.28
CA ILE B 30 -1.86 -27.79 -0.80
C ILE B 30 -0.85 -26.82 -1.40
N ASP B 31 0.42 -27.01 -1.07
CA ASP B 31 1.47 -26.12 -1.57
C ASP B 31 1.93 -26.58 -2.94
N GLU B 32 1.67 -25.75 -3.95
CA GLU B 32 2.03 -26.03 -5.32
C GLU B 32 3.20 -25.17 -5.79
N GLY B 33 3.14 -23.87 -5.45
CA GLY B 33 4.16 -22.90 -5.83
C GLY B 33 5.54 -23.46 -5.66
N THR B 34 6.56 -22.74 -6.16
CA THR B 34 7.91 -23.26 -6.06
C THR B 34 8.34 -23.38 -4.60
N TYR B 35 9.04 -24.47 -4.30
CA TYR B 35 9.47 -24.77 -2.94
C TYR B 35 10.79 -24.17 -2.47
N ASP B 36 11.59 -23.67 -3.40
CA ASP B 36 12.87 -23.05 -3.03
C ASP B 36 12.92 -21.66 -3.64
N THR B 37 14.11 -21.08 -3.79
CA THR B 37 14.22 -19.75 -4.38
C THR B 37 15.03 -19.74 -5.67
N HIS B 38 15.08 -20.88 -6.35
CA HIS B 38 15.81 -21.00 -7.61
C HIS B 38 14.96 -20.33 -8.71
N ARG B 39 15.59 -19.55 -9.58
CA ARG B 39 14.83 -18.87 -10.63
C ARG B 39 13.88 -19.75 -11.42
N THR B 40 12.59 -19.38 -11.40
CA THR B 40 11.59 -20.14 -12.12
C THR B 40 10.53 -19.20 -12.72
N HIS B 41 9.42 -19.76 -13.19
CA HIS B 41 8.41 -18.95 -13.89
C HIS B 41 7.00 -18.99 -13.29
N TYR B 42 6.49 -17.82 -12.93
CA TYR B 42 5.20 -17.70 -12.29
C TYR B 42 3.99 -18.38 -12.95
N PRO B 43 3.95 -18.47 -14.30
CA PRO B 43 2.78 -19.12 -14.89
C PRO B 43 2.59 -20.59 -14.51
N ILE B 44 3.70 -21.29 -14.30
CA ILE B 44 3.65 -22.70 -13.94
C ILE B 44 2.84 -22.94 -12.68
N TYR B 45 3.14 -22.15 -11.64
CA TYR B 45 2.49 -22.32 -10.36
C TYR B 45 1.11 -21.68 -10.31
N GLY B 46 0.92 -20.62 -11.08
CA GLY B 46 -0.39 -20.00 -11.11
C GLY B 46 -1.38 -20.97 -11.72
N LYS B 47 -0.95 -21.69 -12.75
CA LYS B 47 -1.78 -22.67 -13.43
C LYS B 47 -2.08 -23.87 -12.55
N LYS B 48 -1.10 -24.31 -11.76
CA LYS B 48 -1.27 -25.44 -10.86
C LYS B 48 -2.33 -25.15 -9.83
N VAL B 49 -2.23 -23.97 -9.22
CA VAL B 49 -3.18 -23.56 -8.20
C VAL B 49 -4.57 -23.43 -8.81
N ALA B 50 -4.65 -22.80 -9.96
CA ALA B 50 -5.92 -22.61 -10.65
C ALA B 50 -6.64 -23.95 -10.90
N GLU B 51 -5.91 -24.93 -11.42
CA GLU B 51 -6.54 -26.23 -11.68
C GLU B 51 -6.97 -26.94 -10.41
N ASP B 52 -6.25 -26.74 -9.31
CA ASP B 52 -6.64 -27.36 -8.04
C ASP B 52 -8.02 -26.84 -7.64
N VAL B 53 -8.22 -25.54 -7.80
CA VAL B 53 -9.50 -24.92 -7.44
C VAL B 53 -10.58 -25.28 -8.45
N ALA B 54 -10.23 -25.26 -9.74
CA ALA B 54 -11.17 -25.57 -10.79
C ALA B 54 -11.63 -27.03 -10.76
N ASP B 55 -10.73 -27.93 -10.40
CA ASP B 55 -11.05 -29.35 -10.34
C ASP B 55 -11.62 -29.80 -9.00
N GLY B 56 -11.77 -28.86 -8.06
CA GLY B 56 -12.33 -29.21 -6.77
C GLY B 56 -11.35 -29.77 -5.75
N ARG B 57 -10.07 -29.84 -6.09
CA ARG B 57 -9.09 -30.36 -5.15
C ARG B 57 -8.89 -29.37 -4.01
N ALA B 58 -9.24 -28.12 -4.27
CA ALA B 58 -9.14 -27.06 -3.27
C ALA B 58 -10.35 -26.14 -3.39
N ASP B 59 -10.73 -25.52 -2.28
CA ASP B 59 -11.87 -24.60 -2.24
C ASP B 59 -11.49 -23.22 -2.76
N LEU B 60 -10.31 -22.76 -2.36
CA LEU B 60 -9.83 -21.44 -2.77
C LEU B 60 -8.33 -21.51 -3.04
N GLY B 61 -7.81 -20.50 -3.72
CA GLY B 61 -6.40 -20.45 -4.03
C GLY B 61 -5.79 -19.10 -3.72
N ILE B 62 -4.48 -19.12 -3.43
CA ILE B 62 -3.75 -17.90 -3.13
C ILE B 62 -2.42 -17.98 -3.88
N VAL B 63 -2.12 -16.96 -4.67
CA VAL B 63 -0.87 -16.95 -5.43
C VAL B 63 -0.13 -15.64 -5.25
N MET B 64 1.20 -15.71 -5.26
CA MET B 64 2.00 -14.51 -5.10
C MET B 64 3.28 -14.56 -5.90
N CYS B 65 3.73 -13.40 -6.35
CA CYS B 65 5.00 -13.25 -7.04
C CYS B 65 5.47 -11.85 -6.60
N GLY B 66 6.59 -11.37 -7.11
CA GLY B 66 7.04 -10.05 -6.69
C GLY B 66 5.91 -9.02 -6.56
N THR B 67 5.16 -8.84 -7.65
CA THR B 67 4.06 -7.88 -7.69
C THR B 67 2.70 -8.58 -7.61
N GLY B 68 2.70 -9.88 -7.88
CA GLY B 68 1.47 -10.66 -7.87
C GLY B 68 0.80 -10.65 -9.23
N ILE B 69 1.12 -9.64 -10.03
CA ILE B 69 0.54 -9.49 -11.36
C ILE B 69 0.72 -10.70 -12.28
N GLY B 70 1.95 -11.20 -12.36
CA GLY B 70 2.21 -12.32 -13.24
C GLY B 70 1.48 -13.60 -12.87
N ILE B 71 1.62 -14.00 -11.61
CA ILE B 71 1.00 -15.25 -11.18
C ILE B 71 -0.52 -15.17 -11.09
N SER B 72 -1.07 -14.01 -10.71
CA SER B 72 -2.52 -13.87 -10.61
C SER B 72 -3.15 -13.87 -12.01
N THR B 73 -2.45 -13.30 -12.97
CA THR B 73 -2.94 -13.26 -14.35
C THR B 73 -2.93 -14.67 -14.95
N ALA B 74 -1.88 -15.42 -14.64
CA ALA B 74 -1.77 -16.79 -15.12
C ALA B 74 -2.93 -17.60 -14.53
N ALA B 75 -3.19 -17.38 -13.24
CA ALA B 75 -4.26 -18.09 -12.56
C ALA B 75 -5.64 -17.79 -13.16
N ASP B 76 -5.85 -16.52 -13.52
CA ASP B 76 -7.11 -16.07 -14.09
C ASP B 76 -7.42 -16.71 -15.45
N LYS B 77 -6.36 -16.95 -16.22
CA LYS B 77 -6.49 -17.53 -17.55
C LYS B 77 -6.69 -19.05 -17.51
N ASN B 78 -7.70 -19.47 -16.77
CA ASN B 78 -8.04 -20.88 -16.63
C ASN B 78 -9.56 -21.01 -16.47
N GLU B 79 -10.10 -22.13 -16.94
CA GLU B 79 -11.55 -22.38 -16.83
C GLU B 79 -11.98 -22.46 -15.38
N GLY B 80 -13.15 -21.90 -15.08
CA GLY B 80 -13.70 -21.94 -13.73
C GLY B 80 -13.03 -21.07 -12.68
N ILE B 81 -12.09 -20.24 -13.10
CA ILE B 81 -11.37 -19.39 -12.17
C ILE B 81 -11.69 -17.90 -12.30
N ARG B 82 -11.75 -17.23 -11.16
CA ARG B 82 -11.96 -15.77 -11.10
C ARG B 82 -10.90 -15.30 -10.10
N ALA B 83 -9.74 -14.93 -10.65
CA ALA B 83 -8.62 -14.48 -9.83
C ALA B 83 -8.61 -12.97 -9.61
N ALA B 84 -8.49 -12.57 -8.36
CA ALA B 84 -8.46 -11.17 -7.99
C ALA B 84 -7.09 -10.72 -7.49
N MET B 85 -6.52 -9.71 -8.14
CA MET B 85 -5.22 -9.15 -7.77
C MET B 85 -5.47 -8.06 -6.73
N CYS B 86 -5.20 -8.36 -5.46
CA CYS B 86 -5.46 -7.40 -4.38
C CYS B 86 -4.31 -7.15 -3.38
N ASP B 87 -3.71 -5.96 -3.44
CA ASP B 87 -2.65 -5.61 -2.49
C ASP B 87 -3.26 -4.87 -1.29
N ASP B 88 -4.58 -4.92 -1.15
CA ASP B 88 -5.26 -4.25 -0.05
C ASP B 88 -6.46 -5.06 0.46
N VAL B 89 -6.84 -4.82 1.71
CA VAL B 89 -7.96 -5.54 2.30
C VAL B 89 -9.30 -5.18 1.66
N THR B 90 -9.47 -3.90 1.35
CA THR B 90 -10.71 -3.41 0.76
C THR B 90 -11.10 -4.09 -0.55
N SER B 91 -10.19 -4.13 -1.53
CA SER B 91 -10.51 -4.77 -2.81
C SER B 91 -10.58 -6.29 -2.71
N ALA B 92 -9.90 -6.85 -1.71
CA ALA B 92 -9.92 -8.29 -1.49
C ALA B 92 -11.30 -8.72 -0.98
N VAL B 93 -11.86 -7.94 -0.05
CA VAL B 93 -13.18 -8.25 0.49
C VAL B 93 -14.20 -8.10 -0.61
N TYR B 94 -14.04 -7.07 -1.44
CA TYR B 94 -14.95 -6.82 -2.55
C TYR B 94 -14.89 -8.01 -3.52
N ALA B 95 -13.68 -8.46 -3.80
CA ALA B 95 -13.46 -9.57 -4.72
C ALA B 95 -14.26 -10.82 -4.31
N ARG B 96 -14.28 -11.10 -3.02
CA ARG B 96 -14.99 -12.25 -2.46
C ARG B 96 -16.50 -12.02 -2.35
N GLU B 97 -16.91 -10.88 -1.82
CA GLU B 97 -18.34 -10.60 -1.65
C GLU B 97 -19.09 -10.36 -2.94
N GLN B 98 -18.50 -9.61 -3.87
CA GLN B 98 -19.16 -9.27 -5.13
C GLN B 98 -18.83 -10.12 -6.36
N LEU B 99 -17.57 -10.54 -6.51
CA LEU B 99 -17.18 -11.32 -7.68
C LEU B 99 -16.99 -12.81 -7.38
N ASN B 100 -17.16 -13.20 -6.12
CA ASN B 100 -17.00 -14.59 -5.70
C ASN B 100 -15.66 -15.12 -6.22
N ALA B 101 -14.63 -14.29 -6.14
CA ALA B 101 -13.29 -14.67 -6.60
C ALA B 101 -12.82 -15.92 -5.84
N ASN B 102 -12.32 -16.91 -6.58
CA ASN B 102 -11.84 -18.13 -5.94
C ASN B 102 -10.31 -18.24 -5.85
N VAL B 103 -9.62 -17.23 -6.38
CA VAL B 103 -8.16 -17.18 -6.30
C VAL B 103 -7.75 -15.74 -5.99
N LEU B 104 -6.93 -15.59 -4.95
CA LEU B 104 -6.44 -14.30 -4.49
C LEU B 104 -4.96 -14.14 -4.84
N GLY B 105 -4.62 -13.02 -5.47
CA GLY B 105 -3.23 -12.77 -5.82
C GLY B 105 -2.69 -11.59 -5.02
N ILE B 106 -1.45 -11.72 -4.55
CA ILE B 106 -0.83 -10.65 -3.77
C ILE B 106 0.62 -10.45 -4.17
N GLY B 107 1.08 -9.20 -4.10
CA GLY B 107 2.45 -8.87 -4.42
C GLY B 107 3.30 -9.05 -3.17
N GLY B 108 3.95 -10.21 -3.05
CA GLY B 108 4.77 -10.50 -1.89
C GLY B 108 5.95 -9.59 -1.66
N ALA B 109 6.43 -8.91 -2.71
CA ALA B 109 7.57 -8.02 -2.57
C ALA B 109 7.15 -6.55 -2.39
N VAL B 110 5.87 -6.25 -2.55
CA VAL B 110 5.40 -4.89 -2.38
C VAL B 110 4.50 -4.70 -1.16
N VAL B 111 3.98 -5.81 -0.66
CA VAL B 111 3.11 -5.78 0.51
C VAL B 111 3.84 -6.41 1.68
N GLY B 112 3.83 -5.73 2.83
CA GLY B 112 4.49 -6.24 4.02
C GLY B 112 3.75 -7.45 4.58
N VAL B 113 4.49 -8.38 5.18
CA VAL B 113 3.88 -9.60 5.71
C VAL B 113 2.66 -9.37 6.61
N HIS B 114 2.72 -8.39 7.49
CA HIS B 114 1.59 -8.13 8.37
C HIS B 114 0.33 -7.79 7.60
N LEU B 115 0.49 -7.02 6.52
CA LEU B 115 -0.64 -6.64 5.70
C LEU B 115 -1.07 -7.80 4.81
N ILE B 116 -0.11 -8.62 4.40
CA ILE B 116 -0.46 -9.79 3.57
C ILE B 116 -1.37 -10.69 4.42
N GLN B 117 -1.01 -10.87 5.69
CA GLN B 117 -1.82 -11.69 6.60
C GLN B 117 -3.23 -11.14 6.68
N ASP B 118 -3.34 -9.82 6.82
CA ASP B 118 -4.64 -9.15 6.90
C ASP B 118 -5.47 -9.34 5.64
N ILE B 119 -4.83 -9.23 4.48
CA ILE B 119 -5.53 -9.39 3.22
C ILE B 119 -6.08 -10.81 3.12
N VAL B 120 -5.21 -11.79 3.37
CA VAL B 120 -5.60 -13.19 3.32
C VAL B 120 -6.76 -13.48 4.30
N LYS B 121 -6.62 -13.00 5.53
CA LYS B 121 -7.65 -13.21 6.54
C LYS B 121 -8.98 -12.59 6.14
N ALA B 122 -8.94 -11.35 5.67
CA ALA B 122 -10.16 -10.65 5.25
C ALA B 122 -10.83 -11.33 4.08
N TYR B 123 -10.01 -11.82 3.15
CA TYR B 123 -10.49 -12.50 1.96
C TYR B 123 -11.22 -13.79 2.34
N LEU B 124 -10.59 -14.57 3.20
CA LEU B 124 -11.15 -15.84 3.65
C LEU B 124 -12.39 -15.67 4.51
N ASP B 125 -12.37 -14.65 5.36
CA ASP B 125 -13.49 -14.36 6.26
C ASP B 125 -14.72 -13.86 5.51
N ALA B 126 -14.50 -13.21 4.36
CA ALA B 126 -15.60 -12.68 3.57
C ALA B 126 -16.40 -13.82 2.97
N THR B 127 -17.66 -13.54 2.66
CA THR B 127 -18.55 -14.53 2.06
C THR B 127 -19.23 -13.89 0.87
N TYR B 128 -19.33 -14.63 -0.23
CA TYR B 128 -19.99 -14.14 -1.43
C TYR B 128 -21.48 -13.99 -1.14
N LYS B 129 -22.05 -12.86 -1.56
CA LYS B 129 -23.47 -12.59 -1.36
C LYS B 129 -24.04 -12.23 -2.72
N GLU B 130 -24.76 -13.18 -3.32
CA GLU B 130 -25.34 -12.98 -4.64
C GLU B 130 -26.37 -11.86 -4.71
N THR B 131 -26.32 -11.13 -5.82
CA THR B 131 -27.26 -10.04 -6.09
C THR B 131 -27.48 -10.10 -7.59
N PRO B 132 -28.64 -9.61 -8.06
CA PRO B 132 -28.90 -9.64 -9.50
C PRO B 132 -27.77 -8.98 -10.28
N GLU B 133 -27.18 -7.95 -9.69
CA GLU B 133 -26.09 -7.21 -10.32
C GLU B 133 -24.77 -7.97 -10.46
N ASN B 134 -24.24 -8.49 -9.35
CA ASN B 134 -22.97 -9.20 -9.43
C ASN B 134 -23.09 -10.58 -10.08
N LYS B 135 -24.31 -11.11 -10.12
CA LYS B 135 -24.53 -12.40 -10.76
C LYS B 135 -24.33 -12.19 -12.26
N LYS B 136 -24.80 -11.05 -12.74
CA LYS B 136 -24.69 -10.70 -14.16
C LYS B 136 -23.23 -10.46 -14.54
N LEU B 137 -22.49 -9.82 -13.63
CA LEU B 137 -21.08 -9.53 -13.87
C LEU B 137 -20.27 -10.83 -13.90
N ILE B 138 -20.52 -11.69 -12.92
CA ILE B 138 -19.83 -12.96 -12.82
C ILE B 138 -20.11 -13.81 -14.06
N ASP B 139 -21.35 -13.78 -14.53
CA ASP B 139 -21.72 -14.55 -15.72
C ASP B 139 -20.91 -14.08 -16.92
N LYS B 140 -20.81 -12.77 -17.11
CA LYS B 140 -20.05 -12.23 -18.21
C LYS B 140 -18.59 -12.66 -18.14
N ILE B 141 -18.00 -12.51 -16.96
CA ILE B 141 -16.61 -12.88 -16.74
C ILE B 141 -16.34 -14.35 -17.04
N ASP B 142 -17.23 -15.22 -16.57
CA ASP B 142 -17.07 -16.66 -16.79
C ASP B 142 -17.20 -17.09 -18.25
N ASN B 143 -17.71 -16.19 -19.11
CA ASN B 143 -17.89 -16.53 -20.52
C ASN B 143 -17.03 -15.75 -21.51
N ILE B 144 -16.02 -15.04 -21.01
CA ILE B 144 -15.18 -14.27 -21.89
C ILE B 144 -14.18 -15.14 -22.65
N ALA B 145 -13.47 -15.99 -21.92
CA ALA B 145 -12.47 -16.86 -22.52
C ALA B 145 -13.06 -18.04 -23.28
N LYS B 146 -12.29 -18.54 -24.25
CA LYS B 146 -12.70 -19.69 -25.03
C LYS B 146 -11.95 -20.89 -24.48
N PRO B 147 -12.67 -21.89 -23.95
CA PRO B 147 -12.01 -23.07 -23.39
C PRO B 147 -11.08 -23.75 -24.39
N ASN B 148 -9.94 -24.20 -23.88
CA ASN B 148 -8.95 -24.90 -24.70
C ASN B 148 -8.60 -26.20 -23.98
N PRO B 149 -9.17 -27.32 -24.44
CA PRO B 149 -8.93 -28.64 -23.86
C PRO B 149 -7.46 -29.05 -23.81
N ASP B 150 -6.65 -28.48 -24.70
CA ASP B 150 -5.23 -28.80 -24.74
C ASP B 150 -4.50 -28.21 -23.54
N GLN B 151 -5.08 -27.17 -22.94
CA GLN B 151 -4.48 -26.53 -21.79
C GLN B 151 -5.05 -27.12 -20.51
N LYS B 152 -6.35 -27.38 -20.52
CA LYS B 152 -7.04 -27.92 -19.35
C LYS B 152 -6.45 -29.22 -18.84
N ASP B 153 -5.99 -29.20 -17.59
CA ASP B 153 -5.40 -30.37 -16.94
C ASP B 153 -4.16 -30.95 -17.62
N ASN B 154 -3.51 -30.14 -18.44
CA ASN B 154 -2.30 -30.58 -19.13
C ASN B 154 -1.09 -29.92 -18.44
N PRO B 155 -0.39 -30.68 -17.58
CA PRO B 155 0.77 -30.18 -16.85
C PRO B 155 2.00 -29.96 -17.70
N HIS B 156 1.97 -30.46 -18.94
CA HIS B 156 3.09 -30.32 -19.86
C HIS B 156 2.87 -29.16 -20.82
N PHE B 157 1.83 -28.39 -20.57
CA PHE B 157 1.46 -27.26 -21.42
C PHE B 157 2.58 -26.25 -21.72
N PHE B 158 3.49 -26.04 -20.79
CA PHE B 158 4.58 -25.09 -21.00
C PHE B 158 5.93 -25.73 -21.36
N ASP B 159 5.91 -27.03 -21.66
CA ASP B 159 7.15 -27.74 -21.99
C ASP B 159 7.97 -27.10 -23.12
N ALA B 160 7.30 -26.63 -24.16
CA ALA B 160 8.00 -26.00 -25.29
C ALA B 160 8.83 -24.81 -24.79
N GLU B 161 8.24 -24.02 -23.90
CA GLU B 161 8.91 -22.85 -23.33
C GLU B 161 10.08 -23.28 -22.43
N LEU B 162 9.83 -24.28 -21.59
CA LEU B 162 10.86 -24.76 -20.68
C LEU B 162 12.09 -25.29 -21.42
N GLU B 163 11.88 -25.91 -22.58
CA GLU B 163 12.98 -26.43 -23.37
C GLU B 163 13.80 -25.28 -23.93
N LYS B 164 13.12 -24.27 -24.48
CA LYS B 164 13.79 -23.11 -25.05
C LYS B 164 14.61 -22.39 -23.98
N TRP B 165 14.15 -22.46 -22.74
CA TRP B 165 14.85 -21.83 -21.62
C TRP B 165 16.13 -22.61 -21.36
N ALA B 166 16.03 -23.92 -21.42
CA ALA B 166 17.18 -24.79 -21.18
C ALA B 166 18.22 -24.60 -22.27
N GLU B 167 17.76 -24.32 -23.49
CA GLU B 167 18.66 -24.12 -24.62
C GLU B 167 19.24 -22.70 -24.68
N GLY B 168 18.91 -21.87 -23.70
CA GLY B 168 19.42 -20.52 -23.65
C GLY B 168 18.76 -19.51 -24.56
N VAL B 169 17.60 -19.87 -25.11
CA VAL B 169 16.88 -18.99 -26.01
C VAL B 169 16.43 -17.67 -25.35
N TYR B 170 16.19 -17.71 -24.05
CA TYR B 170 15.72 -16.52 -23.33
C TYR B 170 16.83 -15.80 -22.55
N HIS B 171 18.03 -15.71 -23.13
CA HIS B 171 19.13 -15.03 -22.46
C HIS B 171 18.83 -13.53 -22.34
N ASP B 172 19.47 -12.88 -21.39
CA ASP B 172 19.28 -11.45 -21.20
C ASP B 172 20.23 -10.70 -22.13
N MET C 21 -20.37 6.13 20.43
CA MET C 21 -18.96 6.58 20.58
C MET C 21 -18.78 7.99 20.02
N ASP C 22 -17.75 8.69 20.50
CA ASP C 22 -17.45 10.05 20.05
C ASP C 22 -16.28 10.05 19.07
N VAL C 23 -16.33 10.95 18.10
CA VAL C 23 -15.28 11.07 17.10
C VAL C 23 -15.08 12.53 16.71
N ILE C 24 -13.84 13.00 16.79
CA ILE C 24 -13.50 14.38 16.43
C ILE C 24 -12.97 14.40 15.01
N ILE C 25 -13.48 15.29 14.16
CA ILE C 25 -13.00 15.36 12.79
C ILE C 25 -12.68 16.79 12.37
N GLY C 26 -11.85 16.94 11.35
CA GLY C 26 -11.47 18.24 10.86
C GLY C 26 -10.75 18.10 9.54
N ALA C 27 -10.68 19.17 8.76
CA ALA C 27 -10.02 19.11 7.48
C ALA C 27 -9.66 20.48 6.92
N ASP C 28 -8.73 20.49 5.97
CA ASP C 28 -8.33 21.72 5.32
C ASP C 28 -9.06 21.74 3.98
N LYS C 29 -8.69 22.67 3.09
CA LYS C 29 -9.37 22.78 1.80
C LYS C 29 -9.35 21.50 0.96
N ASP C 30 -8.22 20.79 0.99
CA ASP C 30 -8.07 19.57 0.21
C ASP C 30 -8.85 18.37 0.74
N GLY C 31 -8.91 18.24 2.05
CA GLY C 31 -9.62 17.11 2.62
C GLY C 31 -11.07 17.35 2.97
N PHE C 32 -11.54 18.58 2.77
CA PHE C 32 -12.93 18.92 3.11
C PHE C 32 -14.00 18.02 2.52
N ALA C 33 -13.93 17.77 1.22
CA ALA C 33 -14.92 16.93 0.54
C ALA C 33 -15.11 15.56 1.21
N MET C 34 -14.01 14.84 1.39
CA MET C 34 -14.09 13.53 2.01
C MET C 34 -14.54 13.64 3.47
N LYS C 35 -14.12 14.72 4.14
CA LYS C 35 -14.50 14.93 5.53
C LYS C 35 -16.02 15.03 5.64
N GLU C 36 -16.62 15.73 4.68
CA GLU C 36 -18.07 15.90 4.66
C GLU C 36 -18.78 14.57 4.38
N GLN C 37 -18.18 13.76 3.52
CA GLN C 37 -18.76 12.46 3.19
C GLN C 37 -18.69 11.52 4.39
N VAL C 38 -17.56 11.55 5.08
CA VAL C 38 -17.37 10.70 6.25
C VAL C 38 -18.27 11.13 7.40
N LYS C 39 -18.42 12.43 7.60
CA LYS C 39 -19.28 12.92 8.66
C LYS C 39 -20.68 12.32 8.48
N LYS C 40 -21.19 12.41 7.26
CA LYS C 40 -22.51 11.87 6.95
C LYS C 40 -22.52 10.36 7.19
N TYR C 41 -21.43 9.69 6.87
CA TYR C 41 -21.31 8.25 7.09
C TYR C 41 -21.41 7.95 8.57
N LEU C 42 -20.56 8.62 9.35
CA LEU C 42 -20.53 8.43 10.80
C LEU C 42 -21.88 8.72 11.44
N GLU C 43 -22.55 9.77 10.98
CA GLU C 43 -23.85 10.14 11.54
C GLU C 43 -24.87 9.04 11.28
N GLU C 44 -24.83 8.47 10.08
CA GLU C 44 -25.75 7.40 9.71
C GLU C 44 -25.50 6.16 10.55
N HIS C 45 -24.27 6.02 11.05
CA HIS C 45 -23.91 4.85 11.84
C HIS C 45 -23.95 5.06 13.35
N GLN C 46 -24.76 6.02 13.78
CA GLN C 46 -24.95 6.31 15.20
C GLN C 46 -23.77 6.91 15.96
N TYR C 47 -22.76 7.41 15.24
CA TYR C 47 -21.60 8.02 15.89
C TYR C 47 -21.87 9.49 16.20
N ARG C 48 -21.43 9.92 17.38
CA ARG C 48 -21.58 11.32 17.77
C ARG C 48 -20.32 12.02 17.30
N VAL C 49 -20.46 12.86 16.28
CA VAL C 49 -19.33 13.55 15.69
C VAL C 49 -19.16 15.00 16.11
N ALA C 50 -17.90 15.40 16.27
CA ALA C 50 -17.58 16.78 16.62
C ALA C 50 -16.71 17.33 15.49
N ASP C 51 -17.35 18.09 14.60
CA ASP C 51 -16.68 18.67 13.44
C ASP C 51 -16.10 20.04 13.84
N VAL C 52 -14.78 20.13 13.91
CA VAL C 52 -14.14 21.38 14.29
C VAL C 52 -13.80 22.27 13.09
N THR C 53 -14.17 21.83 11.90
CA THR C 53 -13.92 22.60 10.69
C THR C 53 -15.17 22.62 9.81
N PRO C 54 -16.26 23.23 10.30
CA PRO C 54 -17.51 23.29 9.52
C PRO C 54 -17.21 23.92 8.17
N GLU C 55 -16.22 24.79 8.17
CA GLU C 55 -15.75 25.45 6.95
C GLU C 55 -14.30 24.99 6.88
N PRO C 56 -13.79 24.70 5.66
CA PRO C 56 -12.40 24.25 5.53
C PRO C 56 -11.39 25.15 6.23
N ALA C 57 -10.41 24.54 6.89
CA ALA C 57 -9.38 25.29 7.60
C ALA C 57 -8.45 25.95 6.60
N GLU C 58 -7.68 26.93 7.08
CA GLU C 58 -6.73 27.66 6.25
C GLU C 58 -5.73 26.71 5.60
N ASP C 59 -5.25 25.75 6.38
CA ASP C 59 -4.29 24.74 5.92
C ASP C 59 -4.32 23.56 6.89
N PHE C 60 -3.53 22.52 6.60
CA PHE C 60 -3.52 21.34 7.46
C PHE C 60 -2.94 21.58 8.86
N VAL C 61 -2.20 22.67 9.02
CA VAL C 61 -1.63 22.99 10.33
C VAL C 61 -2.76 23.46 11.23
N GLU C 62 -3.64 24.30 10.70
CA GLU C 62 -4.76 24.80 11.49
C GLU C 62 -5.80 23.71 11.76
N SER C 63 -6.06 22.87 10.75
CA SER C 63 -7.05 21.81 10.92
C SER C 63 -6.58 20.73 11.87
N SER C 64 -5.30 20.34 11.78
CA SER C 64 -4.79 19.28 12.65
C SER C 64 -4.71 19.73 14.12
N LEU C 65 -4.24 20.95 14.35
CA LEU C 65 -4.14 21.47 15.71
C LEU C 65 -5.51 21.71 16.31
N ALA C 66 -6.49 22.01 15.47
CA ALA C 66 -7.86 22.24 15.96
C ALA C 66 -8.42 20.92 16.47
N VAL C 67 -8.24 19.86 15.67
CA VAL C 67 -8.69 18.52 16.04
C VAL C 67 -8.00 18.07 17.33
N THR C 68 -6.68 18.28 17.38
CA THR C 68 -5.87 17.90 18.53
C THR C 68 -6.33 18.60 19.81
N LYS C 69 -6.51 19.92 19.73
CA LYS C 69 -6.94 20.70 20.88
C LYS C 69 -8.29 20.22 21.39
N LYS C 70 -9.23 20.00 20.47
CA LYS C 70 -10.56 19.54 20.84
C LYS C 70 -10.53 18.11 21.40
N LEU C 71 -9.58 17.31 20.93
CA LEU C 71 -9.44 15.94 21.39
C LEU C 71 -8.81 15.86 22.78
N LEU C 72 -7.68 16.53 22.95
CA LEU C 72 -6.98 16.53 24.23
C LEU C 72 -7.82 17.24 25.30
N ASN C 73 -8.88 17.92 24.87
CA ASN C 73 -9.75 18.65 25.78
C ASN C 73 -11.18 18.13 25.67
N SER C 74 -11.33 16.81 25.71
CA SER C 74 -12.64 16.18 25.61
C SER C 74 -12.56 14.74 26.11
N ASP C 75 -13.71 14.09 26.25
CA ASP C 75 -13.74 12.71 26.73
C ASP C 75 -13.69 11.73 25.55
N ALA C 76 -13.39 12.25 24.37
CA ALA C 76 -13.29 11.41 23.17
C ALA C 76 -11.86 10.91 23.06
N HIS C 77 -11.68 9.75 22.42
CA HIS C 77 -10.34 9.19 22.28
C HIS C 77 -10.01 8.82 20.84
N LYS C 78 -10.82 9.30 19.91
CA LYS C 78 -10.58 9.01 18.50
C LYS C 78 -10.91 10.22 17.63
N ALA C 79 -10.06 10.48 16.65
CA ALA C 79 -10.22 11.62 15.76
C ALA C 79 -9.68 11.32 14.36
N ILE C 80 -10.26 11.98 13.36
CA ILE C 80 -9.82 11.80 11.98
C ILE C 80 -9.50 13.16 11.36
N MET C 81 -8.28 13.30 10.86
CA MET C 81 -7.87 14.54 10.22
C MET C 81 -7.80 14.29 8.71
N PHE C 82 -8.32 15.23 7.92
CA PHE C 82 -8.31 15.10 6.48
C PHE C 82 -7.54 16.24 5.81
N ASP C 83 -6.64 15.88 4.90
CA ASP C 83 -5.88 16.84 4.13
C ASP C 83 -5.51 16.13 2.83
N ARG C 84 -4.65 16.72 2.03
CA ARG C 84 -4.30 16.10 0.76
C ARG C 84 -3.43 14.84 0.82
N TYR C 85 -2.39 14.86 1.65
CA TYR C 85 -1.47 13.73 1.74
C TYR C 85 -1.33 13.01 3.07
N GLY C 86 -2.07 13.47 4.10
CA GLY C 86 -1.99 12.84 5.40
C GLY C 86 -0.75 13.23 6.19
N VAL C 87 0.40 13.14 5.52
CA VAL C 87 1.69 13.46 6.13
C VAL C 87 1.69 14.78 6.90
N GLY C 88 1.21 15.85 6.26
CA GLY C 88 1.19 17.16 6.90
C GLY C 88 0.48 17.24 8.24
N SER C 89 -0.77 16.78 8.27
CA SER C 89 -1.54 16.83 9.50
C SER C 89 -0.86 16.03 10.61
N ALA C 90 -0.23 14.91 10.24
CA ALA C 90 0.46 14.09 11.24
C ALA C 90 1.73 14.78 11.73
N MET C 91 2.51 15.30 10.79
CA MET C 91 3.75 15.97 11.13
C MET C 91 3.51 17.17 12.05
N ALA C 92 2.42 17.88 11.80
CA ALA C 92 2.07 19.06 12.58
C ALA C 92 1.51 18.72 13.96
N SER C 93 0.45 17.91 13.99
CA SER C 93 -0.17 17.55 15.25
C SER C 93 0.76 16.79 16.20
N ASN C 94 1.66 15.99 15.65
CA ASN C 94 2.58 15.23 16.49
C ASN C 94 3.58 16.10 17.26
N LYS C 95 3.67 17.37 16.88
CA LYS C 95 4.57 18.31 17.55
C LYS C 95 3.97 18.70 18.90
N VAL C 96 2.67 18.50 19.06
CA VAL C 96 1.99 18.84 20.31
C VAL C 96 2.27 17.79 21.38
N LYS C 97 2.79 18.22 22.52
CA LYS C 97 3.10 17.29 23.61
C LYS C 97 1.88 16.46 24.01
N GLY C 98 2.08 15.14 24.05
CA GLY C 98 1.02 14.23 24.43
C GLY C 98 0.17 13.69 23.28
N MET C 99 0.24 14.34 22.12
CA MET C 99 -0.55 13.90 20.98
C MET C 99 0.15 12.80 20.19
N VAL C 100 -0.64 11.89 19.62
CA VAL C 100 -0.11 10.80 18.80
C VAL C 100 -1.02 10.69 17.59
N THR C 101 -0.52 11.09 16.43
CA THR C 101 -1.30 11.05 15.19
C THR C 101 -0.67 10.08 14.19
N ALA C 102 -1.50 9.21 13.62
CA ALA C 102 -1.01 8.21 12.67
C ALA C 102 -1.54 8.43 11.26
N VAL C 103 -0.63 8.54 10.30
CA VAL C 103 -1.04 8.67 8.91
C VAL C 103 -1.44 7.23 8.59
N VAL C 104 -2.55 7.05 7.89
CA VAL C 104 -2.98 5.68 7.58
C VAL C 104 -3.40 5.56 6.12
N GLU C 105 -2.75 4.64 5.40
CA GLU C 105 -3.06 4.43 3.99
C GLU C 105 -3.49 2.99 3.71
N GLU C 106 -3.35 2.13 4.71
CA GLU C 106 -3.77 0.74 4.52
C GLU C 106 -4.46 0.15 5.73
N GLU C 107 -5.13 -0.98 5.51
CA GLU C 107 -5.94 -1.63 6.52
C GLU C 107 -5.27 -2.29 7.74
N ASN C 108 -3.95 -2.52 7.70
CA ASN C 108 -3.31 -3.14 8.85
C ASN C 108 -2.96 -2.09 9.90
N THR C 109 -2.36 -0.98 9.45
CA THR C 109 -1.99 0.08 10.38
C THR C 109 -3.28 0.66 10.97
N ALA C 110 -4.35 0.63 10.19
CA ALA C 110 -5.65 1.14 10.63
C ALA C 110 -6.03 0.66 12.03
N HIS C 111 -5.77 -0.61 12.33
CA HIS C 111 -6.09 -1.14 13.65
C HIS C 111 -4.88 -1.28 14.57
N MET C 112 -3.73 -1.62 14.01
CA MET C 112 -2.52 -1.78 14.82
C MET C 112 -2.07 -0.51 15.52
N THR C 113 -2.21 0.64 14.86
CA THR C 113 -1.78 1.90 15.48
C THR C 113 -2.64 2.24 16.70
N ALA C 114 -3.90 1.81 16.69
CA ALA C 114 -4.77 2.05 17.83
C ALA C 114 -4.42 1.04 18.92
N GLU C 115 -4.30 -0.22 18.53
CA GLU C 115 -3.98 -1.29 19.46
C GLU C 115 -2.64 -1.07 20.16
N HIS C 116 -1.62 -0.76 19.37
CA HIS C 116 -0.27 -0.56 19.89
C HIS C 116 0.07 0.86 20.36
N ASN C 117 -0.24 1.84 19.52
CA ASN C 117 0.06 3.23 19.84
C ASN C 117 -1.09 4.01 20.46
N GLY C 118 -2.25 3.37 20.58
CA GLY C 118 -3.39 4.05 21.14
C GLY C 118 -3.57 5.37 20.42
N ALA C 119 -3.20 5.39 19.14
CA ALA C 119 -3.29 6.59 18.32
C ALA C 119 -4.49 7.42 18.73
N LYS C 120 -4.26 8.71 18.98
CA LYS C 120 -5.34 9.59 19.40
C LYS C 120 -6.11 10.08 18.19
N ALA C 121 -5.47 9.95 17.02
CA ALA C 121 -6.08 10.37 15.77
C ALA C 121 -5.35 9.76 14.58
N ILE C 122 -6.05 9.65 13.46
CA ILE C 122 -5.44 9.13 12.25
C ILE C 122 -5.58 10.23 11.19
N ALA C 123 -4.62 10.30 10.28
CA ALA C 123 -4.64 11.31 9.23
C ALA C 123 -4.81 10.62 7.88
N ILE C 124 -5.78 11.09 7.11
CA ILE C 124 -6.04 10.53 5.79
C ILE C 124 -5.81 11.55 4.69
N GLY C 125 -5.02 11.18 3.68
CA GLY C 125 -4.74 12.06 2.57
C GLY C 125 -5.68 11.73 1.41
N THR C 126 -6.57 12.66 1.09
CA THR C 126 -7.54 12.45 0.01
C THR C 126 -6.92 12.28 -1.37
N GLY C 127 -5.68 12.73 -1.54
CA GLY C 127 -5.01 12.58 -2.82
C GLY C 127 -4.29 11.26 -2.89
N ILE C 128 -4.23 10.57 -1.75
CA ILE C 128 -3.56 9.29 -1.67
C ILE C 128 -4.50 8.10 -1.56
N THR C 129 -5.51 8.22 -0.70
CA THR C 129 -6.47 7.15 -0.44
C THR C 129 -7.88 7.36 -0.96
N GLY C 130 -8.38 6.39 -1.72
CA GLY C 130 -9.74 6.47 -2.27
C GLY C 130 -10.78 6.40 -1.16
N TYR C 131 -11.98 6.89 -1.42
CA TYR C 131 -13.05 6.91 -0.42
C TYR C 131 -13.45 5.56 0.16
N ASP C 132 -13.58 4.54 -0.68
CA ASP C 132 -13.98 3.23 -0.18
C ASP C 132 -12.93 2.64 0.76
N ARG C 133 -11.66 2.80 0.40
CA ARG C 133 -10.60 2.28 1.25
C ARG C 133 -10.55 3.09 2.54
N ALA C 134 -10.80 4.39 2.43
CA ALA C 134 -10.78 5.27 3.60
C ALA C 134 -11.82 4.83 4.63
N LEU C 135 -13.00 4.41 4.17
CA LEU C 135 -14.04 3.96 5.08
C LEU C 135 -13.66 2.68 5.82
N VAL C 136 -12.98 1.76 5.12
CA VAL C 136 -12.56 0.52 5.76
C VAL C 136 -11.51 0.87 6.82
N ILE C 137 -10.59 1.75 6.45
CA ILE C 137 -9.53 2.20 7.34
C ILE C 137 -10.17 2.82 8.59
N ILE C 138 -11.08 3.76 8.37
CA ILE C 138 -11.75 4.44 9.47
C ILE C 138 -12.51 3.47 10.39
N GLN C 139 -13.31 2.58 9.82
CA GLN C 139 -14.08 1.63 10.63
C GLN C 139 -13.16 0.71 11.44
N ARG C 140 -12.03 0.31 10.88
CA ARG C 140 -11.10 -0.56 11.59
C ARG C 140 -10.47 0.18 12.77
N TYR C 141 -10.18 1.46 12.55
CA TYR C 141 -9.58 2.30 13.58
C TYR C 141 -10.56 2.55 14.73
N LEU C 142 -11.82 2.81 14.38
CA LEU C 142 -12.85 3.07 15.38
C LEU C 142 -13.22 1.83 16.22
N ASP C 143 -13.16 0.65 15.60
CA ASP C 143 -13.51 -0.58 16.30
C ASP C 143 -12.37 -1.16 17.12
N THR C 144 -11.21 -0.50 17.13
CA THR C 144 -10.06 -1.02 17.85
C THR C 144 -9.66 -0.23 19.08
N GLU C 145 -9.50 -0.93 20.19
CA GLU C 145 -9.13 -0.30 21.46
C GLU C 145 -7.63 -0.49 21.73
N TYR C 146 -7.08 0.43 22.52
CA TYR C 146 -5.68 0.38 22.90
C TYR C 146 -5.48 -0.86 23.78
N ALA C 147 -4.42 -1.61 23.54
CA ALA C 147 -4.15 -2.83 24.29
C ALA C 147 -3.46 -2.59 25.62
N GLY C 148 -2.75 -1.47 25.74
CA GLY C 148 -2.05 -1.19 26.97
C GLY C 148 -1.01 -2.27 27.23
N GLY C 149 -0.73 -2.53 28.51
CA GLY C 149 0.25 -3.55 28.84
C GLY C 149 1.68 -3.12 28.56
N ARG C 150 2.44 -3.95 27.86
CA ARG C 150 3.83 -3.65 27.55
C ARG C 150 3.95 -2.38 26.70
N HIS C 151 2.92 -2.11 25.92
CA HIS C 151 2.90 -0.95 25.03
C HIS C 151 2.96 0.40 25.72
N GLN C 152 2.54 0.44 26.98
CA GLN C 152 2.53 1.71 27.72
C GLN C 152 3.90 2.35 27.87
N ILE C 153 4.96 1.56 27.94
CA ILE C 153 6.29 2.14 28.10
C ILE C 153 6.60 3.06 26.92
N ARG C 154 6.15 2.68 25.73
CA ARG C 154 6.41 3.50 24.55
C ARG C 154 5.55 4.77 24.52
N LEU C 155 4.30 4.68 24.98
CA LEU C 155 3.44 5.86 25.01
C LEU C 155 3.93 6.81 26.09
N ASP C 156 4.44 6.26 27.19
CA ASP C 156 4.97 7.09 28.27
C ASP C 156 6.19 7.85 27.74
N MET C 157 6.99 7.18 26.90
CA MET C 157 8.16 7.82 26.33
C MET C 157 7.75 8.94 25.37
N LEU C 158 6.76 8.66 24.52
CA LEU C 158 6.30 9.67 23.56
C LEU C 158 5.70 10.90 24.24
N GLU C 159 4.80 10.68 25.20
CA GLU C 159 4.17 11.81 25.90
C GLU C 159 5.18 12.68 26.65
N LYS C 160 6.35 12.12 26.92
CA LYS C 160 7.42 12.82 27.63
C LYS C 160 8.18 13.78 26.71
N MET C 161 8.10 13.53 25.42
CA MET C 161 8.78 14.35 24.40
C MET C 161 7.95 15.58 24.05
N ILE C 162 8.59 16.57 23.43
CA ILE C 162 7.91 17.80 23.06
C ILE C 162 6.85 17.64 21.96
N MET D 1 26.88 12.43 1.31
CA MET D 1 25.71 12.69 2.20
C MET D 1 25.61 11.58 3.25
N ILE D 2 25.23 11.97 4.47
CA ILE D 2 25.11 11.02 5.58
C ILE D 2 23.65 10.80 5.94
N ILE D 3 23.26 9.54 5.99
CA ILE D 3 21.90 9.18 6.35
C ILE D 3 21.91 8.39 7.66
N ALA D 4 21.15 8.85 8.64
CA ALA D 4 21.07 8.13 9.91
C ALA D 4 19.83 7.25 9.81
N ILE D 5 19.93 6.02 10.29
CA ILE D 5 18.79 5.12 10.22
C ILE D 5 18.58 4.41 11.56
N GLY D 6 17.32 4.17 11.89
CA GLY D 6 16.99 3.53 13.14
C GLY D 6 15.76 2.66 12.99
N ASN D 7 15.52 1.78 13.96
CA ASN D 7 14.39 0.87 13.88
C ASN D 7 14.18 0.17 15.21
N ASP D 8 13.04 -0.51 15.32
CA ASP D 8 12.76 -1.30 16.51
C ASP D 8 13.00 -2.74 16.06
N HIS D 9 12.94 -3.69 17.00
CA HIS D 9 13.18 -5.10 16.75
C HIS D 9 12.31 -5.80 15.70
N ILE D 10 11.12 -5.26 15.44
CA ILE D 10 10.22 -5.87 14.49
C ILE D 10 10.68 -5.80 13.03
N VAL D 11 11.41 -4.75 12.68
CA VAL D 11 11.85 -4.56 11.29
C VAL D 11 13.34 -4.44 11.04
N THR D 12 14.15 -5.07 11.88
CA THR D 12 15.60 -5.03 11.75
C THR D 12 16.07 -5.56 10.39
N MET D 13 15.40 -6.60 9.90
CA MET D 13 15.75 -7.21 8.62
C MET D 13 15.51 -6.23 7.46
N GLN D 14 14.43 -5.47 7.54
CA GLN D 14 14.10 -4.48 6.52
C GLN D 14 15.10 -3.33 6.58
N LYS D 15 15.49 -2.97 7.80
CA LYS D 15 16.46 -1.89 8.00
C LYS D 15 17.78 -2.32 7.37
N ILE D 16 18.16 -3.58 7.56
CA ILE D 16 19.40 -4.09 6.98
C ILE D 16 19.36 -3.97 5.46
N GLU D 17 18.24 -4.30 4.86
CA GLU D 17 18.11 -4.21 3.40
C GLU D 17 18.29 -2.77 2.92
N ILE D 18 17.69 -1.82 3.62
CA ILE D 18 17.80 -0.42 3.25
C ILE D 18 19.21 0.09 3.48
N SER D 19 19.83 -0.35 4.58
CA SER D 19 21.18 0.06 4.89
C SER D 19 22.12 -0.39 3.78
N ASN D 20 21.94 -1.62 3.32
CA ASN D 20 22.76 -2.17 2.24
C ASN D 20 22.58 -1.32 0.98
N MET D 21 21.33 -1.01 0.65
CA MET D 21 21.05 -0.22 -0.56
C MET D 21 21.70 1.15 -0.51
N LEU D 22 21.54 1.84 0.61
CA LEU D 22 22.13 3.18 0.76
C LEU D 22 23.62 3.17 0.50
N LYS D 23 24.31 2.17 1.06
CA LYS D 23 25.74 2.08 0.89
C LYS D 23 26.10 1.80 -0.56
N ASP D 24 25.36 0.93 -1.21
CA ASP D 24 25.63 0.63 -2.62
C ASP D 24 25.42 1.90 -3.45
N MET D 25 24.51 2.76 -2.99
CA MET D 25 24.22 4.02 -3.67
C MET D 25 25.26 5.11 -3.38
N GLY D 26 26.18 4.81 -2.47
CA GLY D 26 27.22 5.78 -2.14
C GLY D 26 26.98 6.63 -0.92
N TYR D 27 25.91 6.37 -0.18
CA TYR D 27 25.61 7.14 1.01
C TYR D 27 26.39 6.61 2.20
N THR D 28 26.73 7.50 3.11
CA THR D 28 27.41 7.11 4.34
C THR D 28 26.26 6.89 5.32
N VAL D 29 26.27 5.76 6.02
CA VAL D 29 25.19 5.44 6.94
C VAL D 29 25.58 5.39 8.41
N ILE D 30 24.75 5.98 9.26
CA ILE D 30 24.98 5.92 10.70
C ILE D 30 23.81 5.07 11.20
N ASP D 31 24.07 3.82 11.52
CA ASP D 31 23.02 2.91 11.98
C ASP D 31 22.85 3.09 13.49
N GLU D 32 21.72 3.67 13.89
CA GLU D 32 21.38 3.94 15.30
C GLU D 32 20.38 2.93 15.85
N GLY D 33 19.36 2.61 15.04
CA GLY D 33 18.30 1.69 15.41
C GLY D 33 18.84 0.44 16.05
N THR D 34 17.95 -0.40 16.57
CA THR D 34 18.40 -1.61 17.23
C THR D 34 19.12 -2.55 16.26
N TYR D 35 20.17 -3.19 16.74
CA TYR D 35 20.99 -4.06 15.90
C TYR D 35 20.58 -5.52 15.79
N ASP D 36 19.76 -5.99 16.74
CA ASP D 36 19.28 -7.38 16.70
C ASP D 36 17.75 -7.37 16.70
N THR D 37 17.12 -8.46 17.12
CA THR D 37 15.67 -8.50 17.13
C THR D 37 15.07 -8.75 18.52
N HIS D 38 15.81 -8.33 19.54
CA HIS D 38 15.39 -8.47 20.93
C HIS D 38 14.39 -7.35 21.24
N ARG D 39 13.29 -7.70 21.90
CA ARG D 39 12.29 -6.69 22.21
C ARG D 39 12.85 -5.40 22.80
N THR D 40 12.59 -4.28 22.14
CA THR D 40 13.05 -2.98 22.60
C THR D 40 11.99 -1.91 22.34
N HIS D 41 12.34 -0.63 22.44
CA HIS D 41 11.36 0.45 22.30
C HIS D 41 11.65 1.50 21.24
N TYR D 42 10.79 1.57 20.23
CA TYR D 42 10.98 2.52 19.13
C TYR D 42 11.35 3.98 19.44
N PRO D 43 10.83 4.54 20.55
CA PRO D 43 11.18 5.94 20.83
C PRO D 43 12.68 6.18 20.99
N ILE D 44 13.38 5.19 21.52
CA ILE D 44 14.82 5.30 21.74
C ILE D 44 15.60 5.59 20.46
N TYR D 45 15.33 4.80 19.42
CA TYR D 45 16.03 4.95 18.16
C TYR D 45 15.49 6.10 17.33
N GLY D 46 14.22 6.43 17.54
CA GLY D 46 13.63 7.54 16.82
C GLY D 46 14.31 8.82 17.29
N LYS D 47 14.52 8.92 18.60
CA LYS D 47 15.17 10.07 19.20
C LYS D 47 16.63 10.16 18.74
N LYS D 48 17.32 9.01 18.72
CA LYS D 48 18.72 8.96 18.30
C LYS D 48 18.86 9.47 16.87
N VAL D 49 18.00 9.00 15.98
CA VAL D 49 18.05 9.42 14.59
C VAL D 49 17.74 10.91 14.47
N ALA D 50 16.70 11.34 15.17
CA ALA D 50 16.31 12.74 15.12
C ALA D 50 17.46 13.67 15.52
N GLU D 51 18.18 13.30 16.58
CA GLU D 51 19.28 14.15 17.04
C GLU D 51 20.47 14.17 16.11
N ASP D 52 20.75 13.07 15.42
CA ASP D 52 21.87 13.06 14.48
C ASP D 52 21.57 14.10 13.41
N VAL D 53 20.34 14.09 12.91
CA VAL D 53 19.91 15.02 11.87
C VAL D 53 19.87 16.47 12.35
N ALA D 54 19.31 16.68 13.54
CA ALA D 54 19.20 18.01 14.12
C ALA D 54 20.56 18.64 14.43
N ASP D 55 21.52 17.83 14.85
CA ASP D 55 22.84 18.35 15.20
C ASP D 55 23.82 18.39 14.03
N GLY D 56 23.37 17.91 12.86
CA GLY D 56 24.23 17.94 11.70
C GLY D 56 25.18 16.76 11.55
N ARG D 57 24.99 15.70 12.32
CA ARG D 57 25.84 14.53 12.20
C ARG D 57 25.41 13.75 10.96
N ALA D 58 24.15 13.92 10.58
CA ALA D 58 23.58 13.27 9.40
C ALA D 58 22.77 14.33 8.66
N ASP D 59 22.61 14.16 7.36
CA ASP D 59 21.84 15.12 6.56
C ASP D 59 20.34 14.81 6.58
N LEU D 60 20.02 13.52 6.60
CA LEU D 60 18.63 13.07 6.61
C LEU D 60 18.52 11.80 7.43
N GLY D 61 17.30 11.46 7.83
CA GLY D 61 17.07 10.26 8.60
C GLY D 61 15.96 9.39 8.05
N ILE D 62 16.02 8.10 8.36
CA ILE D 62 15.01 7.14 7.94
C ILE D 62 14.76 6.27 9.16
N VAL D 63 13.50 6.14 9.56
CA VAL D 63 13.18 5.31 10.72
C VAL D 63 12.06 4.35 10.37
N MET D 64 12.12 3.16 10.97
CA MET D 64 11.11 2.16 10.70
C MET D 64 10.76 1.30 11.91
N CYS D 65 9.48 0.95 12.00
CA CYS D 65 9.00 0.04 13.03
C CYS D 65 7.91 -0.75 12.29
N GLY D 66 7.17 -1.62 12.96
CA GLY D 66 6.15 -2.38 12.28
C GLY D 66 5.27 -1.56 11.35
N THR D 67 4.64 -0.51 11.91
CA THR D 67 3.79 0.36 11.10
C THR D 67 4.49 1.67 10.76
N GLY D 68 5.57 1.97 11.49
CA GLY D 68 6.30 3.20 11.26
C GLY D 68 5.71 4.35 12.07
N ILE D 69 4.48 4.19 12.53
CA ILE D 69 3.84 5.26 13.29
C ILE D 69 4.61 5.62 14.54
N GLY D 70 4.88 4.61 15.38
CA GLY D 70 5.59 4.87 16.61
C GLY D 70 6.91 5.59 16.48
N ILE D 71 7.82 5.00 15.73
CA ILE D 71 9.15 5.58 15.58
C ILE D 71 9.17 6.91 14.82
N SER D 72 8.28 7.09 13.85
CA SER D 72 8.26 8.37 13.13
C SER D 72 7.70 9.48 14.01
N THR D 73 6.76 9.13 14.88
CA THR D 73 6.18 10.12 15.79
C THR D 73 7.26 10.52 16.78
N ALA D 74 8.01 9.55 17.27
CA ALA D 74 9.09 9.82 18.21
C ALA D 74 10.08 10.77 17.54
N ALA D 75 10.44 10.47 16.29
CA ALA D 75 11.38 11.31 15.55
C ALA D 75 10.89 12.74 15.38
N ASP D 76 9.60 12.89 15.08
CA ASP D 76 9.01 14.20 14.88
C ASP D 76 9.05 15.05 16.15
N LYS D 77 8.91 14.40 17.30
CA LYS D 77 8.92 15.11 18.59
C LYS D 77 10.34 15.48 19.04
N ASN D 78 11.05 16.21 18.19
CA ASN D 78 12.41 16.65 18.49
C ASN D 78 12.64 17.98 17.79
N GLU D 79 13.44 18.84 18.41
CA GLU D 79 13.74 20.14 17.85
C GLU D 79 14.46 20.01 16.51
N GLY D 80 14.08 20.86 15.57
CA GLY D 80 14.69 20.86 14.25
C GLY D 80 14.26 19.77 13.30
N ILE D 81 13.35 18.91 13.73
CA ILE D 81 12.91 17.82 12.88
C ILE D 81 11.51 17.97 12.29
N ARG D 82 11.37 17.49 11.05
CA ARG D 82 10.10 17.46 10.34
C ARG D 82 10.06 16.03 9.80
N ALA D 83 9.43 15.14 10.56
CA ALA D 83 9.32 13.74 10.19
C ALA D 83 8.08 13.44 9.37
N ALA D 84 8.29 12.76 8.24
CA ALA D 84 7.20 12.41 7.33
C ALA D 84 6.93 10.91 7.32
N MET D 85 5.75 10.51 7.78
CA MET D 85 5.38 9.09 7.80
C MET D 85 4.81 8.74 6.44
N CYS D 86 5.58 8.01 5.63
CA CYS D 86 5.14 7.68 4.28
C CYS D 86 5.30 6.24 3.83
N ASP D 87 4.18 5.54 3.59
CA ASP D 87 4.24 4.18 3.08
C ASP D 87 4.01 4.19 1.57
N ASP D 88 4.20 5.34 0.93
CA ASP D 88 4.02 5.46 -0.51
C ASP D 88 4.98 6.49 -1.09
N VAL D 89 5.32 6.33 -2.37
CA VAL D 89 6.24 7.24 -3.04
C VAL D 89 5.70 8.65 -3.19
N THR D 90 4.42 8.73 -3.56
CA THR D 90 3.76 10.02 -3.77
C THR D 90 3.86 11.01 -2.60
N SER D 91 3.48 10.58 -1.39
CA SER D 91 3.53 11.49 -0.24
C SER D 91 4.94 11.73 0.26
N ALA D 92 5.85 10.79 -0.03
CA ALA D 92 7.24 10.95 0.39
C ALA D 92 7.87 12.08 -0.44
N VAL D 93 7.60 12.06 -1.74
CA VAL D 93 8.14 13.09 -2.62
C VAL D 93 7.55 14.45 -2.21
N TYR D 94 6.27 14.46 -1.89
CA TYR D 94 5.60 15.69 -1.45
C TYR D 94 6.26 16.17 -0.17
N ALA D 95 6.48 15.25 0.76
CA ALA D 95 7.09 15.58 2.05
C ALA D 95 8.43 16.30 1.89
N ARG D 96 9.26 15.80 0.98
CA ARG D 96 10.57 16.37 0.73
C ARG D 96 10.48 17.70 -0.03
N GLU D 97 9.79 17.67 -1.17
CA GLU D 97 9.64 18.85 -2.03
C GLU D 97 8.92 20.03 -1.40
N GLN D 98 7.82 19.77 -0.71
CA GLN D 98 7.05 20.84 -0.11
C GLN D 98 7.32 21.17 1.36
N LEU D 99 7.45 20.14 2.19
CA LEU D 99 7.67 20.35 3.62
C LEU D 99 9.12 20.22 4.07
N ASN D 100 10.03 19.99 3.12
CA ASN D 100 11.45 19.84 3.42
C ASN D 100 11.70 18.88 4.58
N ALA D 101 10.93 17.80 4.61
CA ALA D 101 11.05 16.81 5.67
C ALA D 101 12.48 16.28 5.69
N ASN D 102 13.06 16.17 6.89
CA ASN D 102 14.42 15.66 7.03
C ASN D 102 14.48 14.26 7.65
N VAL D 103 13.33 13.68 7.94
CA VAL D 103 13.26 12.33 8.49
C VAL D 103 12.09 11.59 7.86
N LEU D 104 12.38 10.46 7.22
CA LEU D 104 11.37 9.64 6.57
C LEU D 104 11.01 8.43 7.44
N GLY D 105 9.73 8.18 7.63
CA GLY D 105 9.30 7.03 8.43
C GLY D 105 8.54 6.06 7.54
N ILE D 106 8.76 4.77 7.72
CA ILE D 106 8.09 3.76 6.91
C ILE D 106 7.69 2.55 7.75
N GLY D 107 6.55 1.94 7.41
CA GLY D 107 6.09 0.76 8.12
C GLY D 107 6.74 -0.48 7.53
N GLY D 108 7.81 -0.95 8.15
CA GLY D 108 8.54 -2.10 7.65
C GLY D 108 7.78 -3.41 7.62
N ALA D 109 6.66 -3.49 8.34
CA ALA D 109 5.87 -4.71 8.37
C ALA D 109 4.64 -4.68 7.48
N VAL D 110 4.34 -3.51 6.91
CA VAL D 110 3.17 -3.36 6.04
C VAL D 110 3.54 -3.05 4.59
N VAL D 111 4.77 -2.59 4.39
CA VAL D 111 5.25 -2.26 3.05
C VAL D 111 6.29 -3.30 2.65
N GLY D 112 6.19 -3.84 1.43
CA GLY D 112 7.15 -4.82 0.97
C GLY D 112 8.50 -4.18 0.68
N VAL D 113 9.58 -4.95 0.78
CA VAL D 113 10.92 -4.41 0.55
C VAL D 113 11.11 -3.68 -0.78
N HIS D 114 10.58 -4.22 -1.88
CA HIS D 114 10.75 -3.55 -3.16
C HIS D 114 10.13 -2.16 -3.13
N LEU D 115 8.97 -2.03 -2.49
CA LEU D 115 8.32 -0.73 -2.41
C LEU D 115 9.06 0.17 -1.40
N ILE D 116 9.61 -0.43 -0.33
CA ILE D 116 10.34 0.39 0.64
C ILE D 116 11.54 1.03 -0.06
N GLN D 117 12.22 0.24 -0.90
CA GLN D 117 13.37 0.74 -1.64
C GLN D 117 12.96 1.92 -2.52
N ASP D 118 11.78 1.80 -3.15
CA ASP D 118 11.25 2.85 -4.02
C ASP D 118 10.92 4.14 -3.27
N ILE D 119 10.33 3.98 -2.10
CA ILE D 119 9.98 5.14 -1.29
C ILE D 119 11.24 5.89 -0.87
N VAL D 120 12.24 5.14 -0.42
CA VAL D 120 13.51 5.73 0.01
C VAL D 120 14.25 6.46 -1.10
N LYS D 121 14.35 5.81 -2.26
CA LYS D 121 15.04 6.42 -3.39
C LYS D 121 14.32 7.68 -3.86
N ALA D 122 13.00 7.61 -3.92
CA ALA D 122 12.19 8.74 -4.37
C ALA D 122 12.32 9.92 -3.40
N TYR D 123 12.32 9.61 -2.11
CA TYR D 123 12.44 10.64 -1.08
C TYR D 123 13.83 11.30 -1.14
N LEU D 124 14.87 10.49 -1.39
CA LEU D 124 16.23 11.02 -1.46
C LEU D 124 16.51 11.79 -2.74
N ASP D 125 15.90 11.34 -3.83
CA ASP D 125 16.06 11.99 -5.13
C ASP D 125 15.36 13.34 -5.16
N ALA D 126 14.26 13.45 -4.43
CA ALA D 126 13.49 14.68 -4.38
C ALA D 126 14.29 15.83 -3.76
N THR D 127 13.95 17.04 -4.18
CA THR D 127 14.61 18.24 -3.69
C THR D 127 13.57 19.24 -3.18
N TYR D 128 13.84 19.86 -2.04
CA TYR D 128 12.90 20.84 -1.48
C TYR D 128 12.83 22.03 -2.43
N LYS D 129 11.62 22.40 -2.80
CA LYS D 129 11.38 23.54 -3.70
C LYS D 129 10.67 24.62 -2.90
N GLU D 130 11.44 25.53 -2.31
CA GLU D 130 10.86 26.59 -1.49
C GLU D 130 9.97 27.57 -2.25
N THR D 131 8.94 28.03 -1.56
CA THR D 131 7.97 29.00 -2.08
C THR D 131 7.48 29.76 -0.86
N PRO D 132 6.88 30.95 -1.06
CA PRO D 132 6.40 31.68 0.10
C PRO D 132 5.35 30.86 0.84
N GLU D 133 4.58 30.10 0.07
CA GLU D 133 3.53 29.24 0.61
C GLU D 133 4.02 28.15 1.56
N ASN D 134 4.93 27.30 1.10
CA ASN D 134 5.43 26.22 1.94
C ASN D 134 6.35 26.70 3.06
N LYS D 135 6.98 27.86 2.87
CA LYS D 135 7.87 28.40 3.90
C LYS D 135 7.02 28.80 5.11
N LYS D 136 5.84 29.33 4.84
CA LYS D 136 4.93 29.74 5.90
C LYS D 136 4.44 28.50 6.64
N LEU D 137 4.16 27.44 5.88
CA LEU D 137 3.69 26.18 6.47
C LEU D 137 4.78 25.60 7.37
N ILE D 138 5.97 25.47 6.79
CA ILE D 138 7.12 24.93 7.52
C ILE D 138 7.39 25.74 8.77
N ASP D 139 7.46 27.06 8.63
CA ASP D 139 7.71 27.91 9.80
C ASP D 139 6.69 27.65 10.90
N LYS D 140 5.43 27.49 10.52
CA LYS D 140 4.40 27.22 11.51
C LYS D 140 4.70 25.88 12.19
N ILE D 141 5.00 24.87 11.38
CA ILE D 141 5.32 23.54 11.88
C ILE D 141 6.51 23.54 12.85
N ASP D 142 7.56 24.29 12.51
CA ASP D 142 8.74 24.36 13.36
C ASP D 142 8.49 25.08 14.68
N ASN D 143 7.37 25.79 14.77
CA ASN D 143 7.07 26.54 15.99
C ASN D 143 5.93 26.03 16.84
N ILE D 144 5.46 24.82 16.56
CA ILE D 144 4.35 24.25 17.33
C ILE D 144 4.78 23.75 18.70
N ALA D 145 5.87 23.00 18.75
CA ALA D 145 6.34 22.43 20.01
C ALA D 145 7.08 23.43 20.88
N LYS D 146 7.06 23.16 22.18
CA LYS D 146 7.74 23.99 23.16
C LYS D 146 9.01 23.23 23.53
N PRO D 147 10.17 23.74 23.12
CA PRO D 147 11.46 23.13 23.40
C PRO D 147 11.67 22.73 24.86
N ASN D 148 12.41 21.65 25.07
CA ASN D 148 12.72 21.18 26.40
C ASN D 148 14.21 20.89 26.47
N PRO D 149 14.99 21.77 27.11
CA PRO D 149 16.43 21.60 27.24
C PRO D 149 16.83 20.28 27.89
N ASP D 150 15.92 19.69 28.65
CA ASP D 150 16.17 18.43 29.33
C ASP D 150 16.06 17.22 28.41
N GLN D 151 15.50 17.42 27.23
CA GLN D 151 15.37 16.34 26.26
C GLN D 151 16.50 16.43 25.25
N LYS D 152 16.72 17.64 24.74
CA LYS D 152 17.75 17.90 23.75
C LYS D 152 19.12 17.37 24.13
N ASP D 153 19.61 16.41 23.34
CA ASP D 153 20.92 15.78 23.53
C ASP D 153 21.11 15.10 24.87
N ASN D 154 20.02 14.61 25.47
CA ASN D 154 20.11 13.92 26.75
C ASN D 154 19.91 12.43 26.54
N PRO D 155 21.02 11.66 26.55
CA PRO D 155 21.00 10.20 26.35
C PRO D 155 20.33 9.41 27.48
N HIS D 156 20.17 10.04 28.65
CA HIS D 156 19.56 9.38 29.80
C HIS D 156 18.08 9.73 29.92
N PHE D 157 17.57 10.47 28.93
CA PHE D 157 16.19 10.90 28.93
C PHE D 157 15.12 9.85 29.26
N PHE D 158 15.31 8.62 28.79
CA PHE D 158 14.34 7.56 29.04
C PHE D 158 14.77 6.56 30.13
N ASP D 159 15.84 6.87 30.83
CA ASP D 159 16.33 5.98 31.88
C ASP D 159 15.25 5.63 32.88
N ALA D 160 14.36 6.59 33.16
CA ALA D 160 13.27 6.39 34.09
C ALA D 160 12.35 5.26 33.65
N GLU D 161 11.94 5.31 32.38
CA GLU D 161 11.07 4.29 31.82
C GLU D 161 11.76 2.93 31.70
N LEU D 162 13.04 2.94 31.35
CA LEU D 162 13.80 1.70 31.21
C LEU D 162 13.93 0.96 32.54
N GLU D 163 14.09 1.71 33.62
CA GLU D 163 14.21 1.09 34.94
C GLU D 163 12.90 0.41 35.32
N LYS D 164 11.79 1.09 35.05
CA LYS D 164 10.47 0.53 35.35
C LYS D 164 10.27 -0.75 34.54
N TRP D 165 10.69 -0.72 33.29
CA TRP D 165 10.57 -1.88 32.42
C TRP D 165 11.37 -3.03 33.01
N ALA D 166 12.54 -2.73 33.57
CA ALA D 166 13.39 -3.74 34.17
C ALA D 166 12.72 -4.33 35.40
N GLU D 167 12.05 -3.46 36.16
CA GLU D 167 11.36 -3.88 37.38
C GLU D 167 10.05 -4.58 37.10
N GLY D 168 9.69 -4.69 35.82
CA GLY D 168 8.45 -5.36 35.45
C GLY D 168 7.20 -4.52 35.61
N VAL D 169 7.38 -3.20 35.65
CA VAL D 169 6.25 -2.29 35.80
C VAL D 169 5.33 -2.33 34.57
N TYR D 170 5.91 -2.65 33.42
CA TYR D 170 5.15 -2.70 32.17
C TYR D 170 4.88 -4.13 31.71
N HIS D 171 4.26 -4.93 32.56
CA HIS D 171 3.95 -6.32 32.22
C HIS D 171 2.62 -6.41 31.47
N ASP D 172 2.43 -7.50 30.76
CA ASP D 172 1.18 -7.73 30.02
C ASP D 172 0.21 -8.56 30.85
#